data_8PIA
#
_entry.id   8PIA
#
_cell.length_a   48.695
_cell.length_b   48.752
_cell.length_c   215.811
_cell.angle_alpha   90.000
_cell.angle_beta   90.000
_cell.angle_gamma   90.000
#
_symmetry.space_group_name_H-M   'P 21 21 21'
#
loop_
_entity.id
_entity.type
_entity.pdbx_description
1 polymer 'Chains: E'
2 polymer 'Chains: F'
3 polymer 'Hepatocyte nuclear factor 1-alpha'
4 non-polymer GLYCEROL
#
loop_
_entity_poly.entity_id
_entity_poly.type
_entity_poly.pdbx_seq_one_letter_code
_entity_poly.pdbx_strand_id
1 'polydeoxyribonucleotide'
;(DA)(DC)(DT)(DG)(DT)(DT)(DT)(DA)(DC)(DT)(DC)(DT)(DT)(DT)(DA)(DA)(DC)(DG)(DT)(DA)
(DT)
;
E
2 'polydeoxyribonucleotide'
;(DA)(DT)(DA)(DC)(DG)(DT)(DT)(DA)(DA)(DA)(DG)(DA)(DG)(DT)(DA)(DA)(DA)(DC)(DA)(DG)
(DT)
;
F
3 'polypeptide(L)'
;GPPILKELENLSPEEAAHQKAVVETLLQEDPWRVAKMVKSYLQQHNIPQREVVDTTGLNQSHLSQHLNKGTPMKTQKRAA
LYTWYVRKQREVAQQFTHAGQGGLIEEPTGDELPTKKGRRNRFKWGPASQQILFQAYERQKNPSKEERETLVEECNRAEC
IQRGVSPSQAQGLGSNLVTEVRVYNWFANRRKEEAFRH
;
A,B
#
loop_
_chem_comp.id
_chem_comp.type
_chem_comp.name
_chem_comp.formula
DA DNA linking 2'-DEOXYADENOSINE-5'-MONOPHOSPHATE 'C10 H14 N5 O6 P'
DC DNA linking 2'-DEOXYCYTIDINE-5'-MONOPHOSPHATE 'C9 H14 N3 O7 P'
DG DNA linking 2'-DEOXYGUANOSINE-5'-MONOPHOSPHATE 'C10 H14 N5 O7 P'
DT DNA linking THYMIDINE-5'-MONOPHOSPHATE 'C10 H15 N2 O8 P'
GOL non-polymer GLYCEROL 'C3 H8 O3'
#
# COMPACT_ATOMS: atom_id res chain seq x y z
N PRO C 13 10.48 -29.65 28.11
CA PRO C 13 9.49 -28.86 28.85
C PRO C 13 10.07 -27.72 29.71
N GLU C 14 11.40 -27.63 29.82
CA GLU C 14 11.98 -26.64 30.72
C GLU C 14 11.85 -25.24 30.16
N GLU C 15 12.44 -25.00 28.98
CA GLU C 15 12.24 -23.72 28.31
C GLU C 15 10.76 -23.44 28.07
N ALA C 16 9.98 -24.50 27.82
CA ALA C 16 8.54 -24.34 27.58
C ALA C 16 7.88 -23.56 28.70
N ALA C 17 8.00 -24.06 29.94
CA ALA C 17 7.40 -23.38 31.09
C ALA C 17 7.84 -21.93 31.16
N HIS C 18 9.07 -21.63 30.76
CA HIS C 18 9.52 -20.25 30.68
C HIS C 18 8.72 -19.48 29.63
N GLN C 19 8.61 -20.03 28.41
CA GLN C 19 7.94 -19.32 27.33
C GLN C 19 6.48 -19.04 27.67
N LYS C 20 5.76 -20.06 28.16
CA LYS C 20 4.36 -19.85 28.52
C LYS C 20 4.20 -18.84 29.64
N ALA C 21 5.24 -18.67 30.47
CA ALA C 21 5.19 -17.67 31.53
C ALA C 21 5.33 -16.26 30.98
N VAL C 22 6.14 -16.08 29.95
CA VAL C 22 6.28 -14.76 29.34
C VAL C 22 4.99 -14.36 28.64
N VAL C 23 4.31 -15.31 28.00
CA VAL C 23 3.03 -15.02 27.36
C VAL C 23 2.04 -14.52 28.41
N GLU C 24 2.11 -15.06 29.63
CA GLU C 24 1.24 -14.61 30.71
C GLU C 24 1.43 -13.12 30.99
N THR C 25 2.67 -12.73 31.32
CA THR C 25 2.91 -11.35 31.75
C THR C 25 2.72 -10.36 30.62
N LEU C 26 3.07 -10.75 29.39
CA LEU C 26 2.84 -9.87 28.25
C LEU C 26 1.35 -9.66 28.01
N LEU C 27 0.53 -10.65 28.36
CA LEU C 27 -0.93 -10.51 28.23
C LEU C 27 -1.54 -9.65 29.32
N GLN C 28 -0.74 -9.15 30.26
CA GLN C 28 -1.22 -8.32 31.35
C GLN C 28 -1.00 -6.83 31.11
N GLU C 29 0.02 -6.48 30.34
CA GLU C 29 0.39 -5.09 30.13
C GLU C 29 -0.42 -4.49 28.97
N ASP C 30 -0.37 -3.17 28.87
CA ASP C 30 -1.08 -2.44 27.81
C ASP C 30 -0.75 -3.04 26.44
N PRO C 31 -1.76 -3.33 25.62
CA PRO C 31 -1.49 -3.82 24.26
C PRO C 31 -0.53 -2.93 23.48
N TRP C 32 -0.71 -1.61 23.56
CA TRP C 32 0.10 -0.70 22.76
C TRP C 32 1.57 -0.81 23.13
N ARG C 33 1.88 -0.83 24.43
CA ARG C 33 3.27 -0.89 24.86
C ARG C 33 3.92 -2.20 24.43
N VAL C 34 3.21 -3.32 24.55
CA VAL C 34 3.74 -4.60 24.09
C VAL C 34 3.61 -4.75 22.57
N ALA C 35 2.84 -3.89 21.91
CA ALA C 35 2.78 -3.91 20.45
C ALA C 35 3.93 -3.12 19.84
N LYS C 36 4.17 -1.91 20.34
CA LYS C 36 5.33 -1.14 19.91
C LYS C 36 6.62 -1.93 20.11
N MET C 37 6.65 -2.79 21.12
CA MET C 37 7.81 -3.65 21.36
C MET C 37 8.00 -4.66 20.23
N VAL C 38 6.94 -5.42 19.94
CA VAL C 38 7.04 -6.47 18.91
C VAL C 38 7.28 -5.87 17.53
N LYS C 39 6.71 -4.70 17.23
CA LYS C 39 6.94 -4.08 15.93
C LYS C 39 8.40 -3.65 15.77
N SER C 40 8.96 -3.04 16.81
CA SER C 40 10.37 -2.65 16.76
C SER C 40 11.25 -3.87 16.55
N TYR C 41 10.91 -4.99 17.19
CA TYR C 41 11.66 -6.22 16.97
C TYR C 41 11.53 -6.70 15.52
N LEU C 42 10.33 -6.56 14.95
CA LEU C 42 10.13 -6.91 13.54
C LEU C 42 11.03 -6.06 12.65
N GLN C 43 10.96 -4.74 12.83
CA GLN C 43 11.75 -3.82 12.01
C GLN C 43 13.24 -4.07 12.21
N GLN C 44 13.67 -4.17 13.47
CA GLN C 44 15.09 -4.37 13.79
C GLN C 44 15.66 -5.55 13.02
N HIS C 45 14.96 -6.68 13.05
CA HIS C 45 15.37 -7.88 12.34
C HIS C 45 14.74 -7.99 10.95
N ASN C 46 13.99 -6.97 10.53
CA ASN C 46 13.36 -6.92 9.21
C ASN C 46 12.56 -8.19 8.92
N ILE C 47 11.79 -8.62 9.92
CA ILE C 47 10.99 -9.84 9.79
C ILE C 47 9.69 -9.47 9.11
N PRO C 48 9.27 -10.19 8.08
CA PRO C 48 8.02 -9.85 7.40
C PRO C 48 6.81 -10.19 8.25
N GLN C 49 5.80 -9.30 8.21
CA GLN C 49 4.55 -9.59 8.89
C GLN C 49 3.84 -10.81 8.29
N ARG C 50 4.09 -11.07 7.00
CA ARG C 50 3.55 -12.27 6.36
C ARG C 50 3.99 -13.52 7.10
N GLU C 51 5.23 -13.54 7.60
CA GLU C 51 5.71 -14.70 8.34
C GLU C 51 4.88 -14.95 9.59
N VAL C 52 4.45 -13.87 10.27
CA VAL C 52 3.57 -14.02 11.43
C VAL C 52 2.21 -14.52 10.99
N VAL C 53 1.57 -13.81 10.05
CA VAL C 53 0.26 -14.20 9.54
C VAL C 53 0.26 -15.64 9.06
N ASP C 54 1.34 -16.05 8.40
CA ASP C 54 1.41 -17.41 7.86
C ASP C 54 1.47 -18.45 8.97
N THR C 55 2.33 -18.22 9.96
CA THR C 55 2.49 -19.19 11.05
C THR C 55 1.38 -19.06 12.08
N THR C 56 1.07 -17.83 12.50
CA THR C 56 0.09 -17.65 13.57
C THR C 56 -1.32 -17.94 13.07
N GLY C 57 -1.79 -17.16 12.10
CA GLY C 57 -3.11 -17.38 11.54
C GLY C 57 -4.04 -16.19 11.70
N LEU C 58 -3.51 -15.05 12.11
CA LEU C 58 -4.31 -13.85 12.26
C LEU C 58 -4.37 -13.08 10.95
N ASN C 59 -5.46 -12.34 10.79
CA ASN C 59 -5.62 -11.48 9.62
C ASN C 59 -4.54 -10.39 9.63
N GLN C 60 -4.12 -9.98 8.43
CA GLN C 60 -3.06 -8.99 8.31
C GLN C 60 -3.55 -7.61 8.72
N SER C 61 -4.66 -7.17 8.15
CA SER C 61 -5.20 -5.85 8.46
C SER C 61 -5.40 -5.68 9.96
N HIS C 62 -5.78 -6.74 10.66
CA HIS C 62 -5.84 -6.68 12.11
C HIS C 62 -4.45 -6.47 12.72
N LEU C 63 -3.48 -7.30 12.33
CA LEU C 63 -2.12 -7.14 12.81
C LEU C 63 -1.61 -5.73 12.56
N SER C 64 -1.53 -5.35 11.28
CA SER C 64 -1.05 -4.02 10.90
C SER C 64 -1.71 -2.94 11.75
N GLN C 65 -3.03 -2.96 11.85
CA GLN C 65 -3.73 -1.96 12.64
C GLN C 65 -3.32 -2.04 14.11
N HIS C 66 -3.20 -3.25 14.64
CA HIS C 66 -2.76 -3.40 16.04
C HIS C 66 -1.32 -2.96 16.21
N LEU C 67 -0.44 -3.36 15.28
CA LEU C 67 0.97 -3.01 15.43
C LEU C 67 1.26 -1.56 15.08
N ASN C 68 0.44 -0.95 14.22
CA ASN C 68 0.72 0.40 13.74
C ASN C 68 -0.11 1.47 14.41
N LYS C 69 -1.33 1.15 14.85
CA LYS C 69 -2.25 2.17 15.33
C LYS C 69 -2.78 1.90 16.72
N GLY C 70 -3.10 0.65 17.04
CA GLY C 70 -3.55 0.31 18.38
C GLY C 70 -4.93 -0.29 18.42
N THR C 71 -5.39 -0.80 17.28
CA THR C 71 -6.69 -1.45 17.21
C THR C 71 -6.72 -2.63 18.16
N PRO C 72 -7.61 -2.64 19.15
CA PRO C 72 -7.65 -3.75 20.10
C PRO C 72 -8.01 -5.06 19.42
N MET C 73 -7.47 -6.15 19.95
CA MET C 73 -7.65 -7.48 19.40
C MET C 73 -7.84 -8.44 20.56
N LYS C 74 -8.55 -9.55 20.30
CA LYS C 74 -8.92 -10.46 21.38
C LYS C 74 -7.68 -11.11 21.99
N THR C 75 -7.78 -11.39 23.30
CA THR C 75 -6.65 -11.92 24.05
C THR C 75 -6.19 -13.26 23.48
N GLN C 76 -7.15 -14.13 23.16
CA GLN C 76 -6.88 -15.37 22.42
C GLN C 76 -5.96 -15.07 21.24
N LYS C 77 -6.39 -14.13 20.38
CA LYS C 77 -5.60 -13.76 19.21
C LYS C 77 -4.24 -13.18 19.59
N ARG C 78 -4.23 -12.25 20.56
CA ARG C 78 -2.98 -11.65 21.02
C ARG C 78 -1.99 -12.72 21.44
N ALA C 79 -2.42 -13.65 22.30
CA ALA C 79 -1.58 -14.74 22.78
C ALA C 79 -0.71 -15.32 21.67
N ALA C 80 -1.35 -15.71 20.57
CA ALA C 80 -0.63 -16.31 19.45
C ALA C 80 0.53 -15.42 18.97
N LEU C 81 0.32 -14.10 18.96
CA LEU C 81 1.41 -13.19 18.65
C LEU C 81 2.52 -13.30 19.69
N TYR C 82 2.17 -13.40 20.96
CA TYR C 82 3.18 -13.46 21.99
C TYR C 82 3.90 -14.80 21.99
N THR C 83 3.17 -15.90 21.73
CA THR C 83 3.83 -17.19 21.60
C THR C 83 4.82 -17.18 20.45
N TRP C 84 4.47 -16.54 19.34
CA TRP C 84 5.40 -16.50 18.20
C TRP C 84 6.59 -15.61 18.51
N TYR C 85 6.37 -14.45 19.15
CA TYR C 85 7.46 -13.58 19.55
C TYR C 85 8.49 -14.36 20.36
N VAL C 86 8.02 -15.02 21.42
CA VAL C 86 8.93 -15.71 22.33
C VAL C 86 9.69 -16.81 21.59
N ARG C 87 8.99 -17.55 20.72
CA ARG C 87 9.63 -18.65 20.01
C ARG C 87 10.62 -18.15 18.97
N LYS C 88 10.27 -17.08 18.23
CA LYS C 88 11.16 -16.56 17.21
C LYS C 88 12.38 -15.90 17.84
N GLN C 89 12.18 -15.11 18.91
CA GLN C 89 13.30 -14.48 19.60
C GLN C 89 14.29 -15.52 20.09
N ARG C 90 13.81 -16.70 20.46
CA ARG C 90 14.72 -17.81 20.76
C ARG C 90 15.48 -18.24 19.52
N GLU C 91 14.78 -18.31 18.38
CA GLU C 91 15.41 -18.89 17.18
C GLU C 91 16.50 -17.98 16.63
N VAL C 92 16.31 -16.67 16.67
CA VAL C 92 17.26 -15.75 16.04
C VAL C 92 18.65 -15.91 16.66
N ALA C 93 18.72 -15.97 18.00
CA ALA C 93 20.03 -16.08 18.64
C ALA C 93 20.72 -17.38 18.27
N GLN C 94 19.94 -18.44 18.12
CA GLN C 94 20.50 -19.72 17.67
C GLN C 94 20.98 -19.61 16.23
N GLN C 95 20.21 -18.93 15.38
CA GLN C 95 20.64 -18.72 14.00
C GLN C 95 21.92 -17.89 13.94
N PHE C 96 22.10 -16.98 14.89
CA PHE C 96 23.29 -16.13 14.91
C PHE C 96 24.45 -16.75 15.68
N THR C 97 24.18 -17.61 16.67
CA THR C 97 25.27 -18.26 17.39
C THR C 97 26.04 -19.22 16.48
N HIS C 98 25.48 -19.59 15.34
CA HIS C 98 26.16 -20.40 14.33
C HIS C 98 26.49 -19.49 13.17
N ALA C 99 27.78 -19.23 12.96
CA ALA C 99 28.23 -18.40 11.86
C ALA C 99 28.85 -19.26 10.76
N ARG C 120 12.75 -18.83 2.72
CA ARG C 120 11.55 -18.77 1.89
C ARG C 120 11.03 -17.34 1.83
N ASN C 121 11.70 -16.44 2.54
CA ASN C 121 11.26 -15.06 2.64
C ASN C 121 12.12 -14.15 1.77
N ARG C 122 11.49 -13.10 1.24
CA ARG C 122 12.19 -12.16 0.39
C ARG C 122 13.09 -11.25 1.22
N PHE C 123 14.26 -10.92 0.65
CA PHE C 123 15.18 -10.00 1.31
C PHE C 123 14.56 -8.61 1.44
N LYS C 124 14.76 -7.99 2.59
CA LYS C 124 14.25 -6.64 2.85
C LYS C 124 15.45 -5.75 3.18
N TRP C 125 15.59 -4.65 2.43
CA TRP C 125 16.62 -3.67 2.70
C TRP C 125 16.39 -2.99 4.04
N GLY C 126 17.40 -3.03 4.91
CA GLY C 126 17.32 -2.35 6.18
C GLY C 126 17.53 -0.86 6.04
N PRO C 127 16.99 -0.07 6.98
CA PRO C 127 17.13 1.39 6.89
C PRO C 127 18.57 1.86 7.01
N ALA C 128 19.39 1.17 7.80
CA ALA C 128 20.81 1.52 7.87
C ALA C 128 21.53 1.13 6.58
N SER C 129 21.14 0.01 5.98
CA SER C 129 21.74 -0.39 4.71
C SER C 129 21.41 0.60 3.61
N GLN C 130 20.17 1.10 3.59
CA GLN C 130 19.76 2.03 2.55
C GLN C 130 20.48 3.37 2.66
N GLN C 131 20.87 3.76 3.88
CA GLN C 131 21.59 5.01 4.05
C GLN C 131 22.92 5.01 3.30
N ILE C 132 23.71 3.94 3.47
CA ILE C 132 25.00 3.85 2.80
C ILE C 132 24.81 3.76 1.29
N LEU C 133 23.76 3.07 0.84
CA LEU C 133 23.52 2.90 -0.58
C LEU C 133 23.23 4.24 -1.25
N PHE C 134 22.26 5.00 -0.71
CA PHE C 134 21.94 6.30 -1.26
C PHE C 134 23.13 7.25 -1.17
N GLN C 135 23.97 7.10 -0.14
CA GLN C 135 25.18 7.92 -0.04
C GLN C 135 26.16 7.58 -1.16
N ALA C 136 26.35 6.30 -1.44
CA ALA C 136 27.21 5.90 -2.55
C ALA C 136 26.60 6.21 -3.90
N TYR C 137 25.27 6.33 -3.97
CA TYR C 137 24.62 6.72 -5.22
C TYR C 137 25.01 8.14 -5.63
N GLU C 138 25.43 8.98 -4.69
CA GLU C 138 25.85 10.33 -5.02
C GLU C 138 27.26 10.34 -5.60
N ARG C 139 28.15 9.48 -5.09
CA ARG C 139 29.51 9.42 -5.63
C ARG C 139 29.54 8.72 -6.98
N GLN C 140 28.93 7.54 -7.08
CA GLN C 140 28.93 6.78 -8.32
C GLN C 140 27.59 6.06 -8.45
N LYS C 141 26.83 6.43 -9.48
CA LYS C 141 25.56 5.75 -9.77
C LYS C 141 25.76 4.44 -10.52
N ASN C 142 27.00 4.05 -10.79
CA ASN C 142 27.29 2.82 -11.52
C ASN C 142 28.62 2.27 -11.03
N PRO C 143 28.64 1.67 -9.84
CA PRO C 143 29.90 1.24 -9.25
C PRO C 143 30.36 -0.11 -9.76
N SER C 144 31.67 -0.34 -9.63
CA SER C 144 32.27 -1.60 -10.01
C SER C 144 31.93 -2.69 -9.00
N LYS C 145 32.13 -3.95 -9.42
CA LYS C 145 31.85 -5.09 -8.54
C LYS C 145 32.55 -4.92 -7.21
N GLU C 146 33.86 -4.70 -7.24
CA GLU C 146 34.63 -4.45 -6.03
C GLU C 146 34.11 -3.23 -5.28
N GLU C 147 33.60 -2.22 -6.02
CA GLU C 147 32.98 -1.08 -5.37
C GLU C 147 31.65 -1.46 -4.71
N ARG C 148 30.98 -2.48 -5.23
CA ARG C 148 29.79 -3.01 -4.56
C ARG C 148 30.16 -3.95 -3.41
N GLU C 149 31.22 -4.74 -3.59
CA GLU C 149 31.65 -5.64 -2.51
C GLU C 149 31.99 -4.87 -1.24
N THR C 150 32.65 -3.72 -1.40
CA THR C 150 32.92 -2.87 -0.24
C THR C 150 31.62 -2.35 0.35
N LEU C 151 30.62 -2.08 -0.49
CA LEU C 151 29.33 -1.62 0.01
C LEU C 151 28.58 -2.74 0.72
N VAL C 152 28.79 -3.99 0.29
CA VAL C 152 28.10 -5.13 0.90
C VAL C 152 28.41 -5.21 2.39
N GLU C 153 29.71 -5.27 2.74
CA GLU C 153 30.10 -5.46 4.12
C GLU C 153 29.66 -4.29 4.99
N GLU C 154 29.76 -3.05 4.46
CA GLU C 154 29.33 -1.89 5.23
C GLU C 154 27.85 -1.94 5.55
N CYS C 155 27.05 -2.58 4.70
CA CYS C 155 25.63 -2.74 4.97
C CYS C 155 25.36 -3.93 5.87
N ASN C 156 26.04 -5.05 5.62
CA ASN C 156 25.87 -6.23 6.47
C ASN C 156 26.36 -5.98 7.89
N ARG C 157 27.39 -5.15 8.04
CA ARG C 157 27.82 -4.76 9.37
C ARG C 157 26.80 -3.84 10.03
N ALA C 158 26.24 -2.91 9.26
CA ALA C 158 25.22 -2.01 9.81
C ALA C 158 23.96 -2.77 10.19
N GLU C 159 23.65 -3.84 9.46
CA GLU C 159 22.53 -4.71 9.84
C GLU C 159 22.86 -5.49 11.10
N CYS C 160 24.07 -6.05 11.17
CA CYS C 160 24.47 -6.85 12.31
C CYS C 160 24.46 -6.07 13.62
N ILE C 161 24.69 -4.76 13.56
CA ILE C 161 24.59 -3.95 14.77
C ILE C 161 23.17 -3.49 15.04
N GLN C 162 22.34 -3.38 13.99
CA GLN C 162 20.92 -3.13 14.22
C GLN C 162 20.29 -4.29 14.96
N ARG C 163 20.64 -5.53 14.58
CA ARG C 163 20.18 -6.70 15.32
C ARG C 163 20.77 -6.74 16.72
N GLY C 164 21.98 -6.22 16.90
CA GLY C 164 22.66 -6.30 18.17
C GLY C 164 23.55 -7.52 18.27
N VAL C 165 24.32 -7.77 17.21
CA VAL C 165 25.16 -8.96 17.09
C VAL C 165 26.50 -8.52 16.51
N SER C 166 27.53 -9.33 16.76
CA SER C 166 28.83 -9.07 16.15
C SER C 166 28.76 -9.28 14.64
N PRO C 167 29.44 -8.45 13.86
CA PRO C 167 29.40 -8.61 12.39
C PRO C 167 29.95 -9.94 11.91
N SER C 168 30.77 -10.62 12.72
CA SER C 168 31.26 -11.94 12.33
C SER C 168 30.13 -12.94 12.15
N GLN C 169 29.05 -12.78 12.93
CA GLN C 169 27.85 -13.60 12.77
C GLN C 169 26.94 -12.96 11.74
N ALA C 170 27.40 -13.01 10.49
CA ALA C 170 26.71 -12.37 9.37
C ALA C 170 25.73 -13.30 8.68
N GLN C 171 26.15 -14.52 8.36
CA GLN C 171 25.25 -15.45 7.67
C GLN C 171 24.02 -15.78 8.51
N GLY C 172 24.00 -15.39 9.79
CA GLY C 172 22.80 -15.50 10.59
C GLY C 172 21.67 -14.59 10.15
N LEU C 173 21.98 -13.54 9.38
CA LEU C 173 20.92 -12.71 8.82
C LEU C 173 20.01 -13.52 7.89
N GLY C 174 20.50 -14.62 7.35
CA GLY C 174 19.64 -15.53 6.59
C GLY C 174 19.19 -14.91 5.28
N SER C 175 17.87 -14.89 5.07
CA SER C 175 17.30 -14.34 3.85
C SER C 175 17.55 -12.85 3.72
N ASN C 176 18.01 -12.17 4.78
CA ASN C 176 18.28 -10.75 4.74
C ASN C 176 19.76 -10.44 4.59
N LEU C 177 20.58 -11.44 4.29
CA LEU C 177 21.99 -11.21 4.05
C LEU C 177 22.18 -10.42 2.75
N VAL C 178 23.00 -9.39 2.80
CA VAL C 178 23.24 -8.56 1.63
C VAL C 178 24.24 -9.25 0.72
N THR C 179 23.86 -9.43 -0.54
CA THR C 179 24.75 -9.97 -1.55
C THR C 179 25.04 -8.90 -2.60
N GLU C 180 26.17 -9.06 -3.28
CA GLU C 180 26.55 -8.10 -4.32
C GLU C 180 25.47 -8.00 -5.39
N VAL C 181 24.85 -9.13 -5.73
CA VAL C 181 23.75 -9.12 -6.70
C VAL C 181 22.60 -8.27 -6.19
N ARG C 182 22.31 -8.37 -4.89
CA ARG C 182 21.25 -7.53 -4.31
C ARG C 182 21.64 -6.06 -4.35
N VAL C 183 22.91 -5.75 -4.07
CA VAL C 183 23.40 -4.38 -4.24
C VAL C 183 23.26 -3.95 -5.70
N TYR C 184 23.53 -4.87 -6.62
CA TYR C 184 23.40 -4.57 -8.04
C TYR C 184 21.96 -4.23 -8.39
N ASN C 185 21.03 -5.14 -8.09
CA ASN C 185 19.62 -4.91 -8.42
C ASN C 185 19.08 -3.69 -7.70
N TRP C 186 19.67 -3.32 -6.56
CA TRP C 186 19.30 -2.07 -5.92
C TRP C 186 19.74 -0.87 -6.76
N PHE C 187 20.99 -0.88 -7.21
CA PHE C 187 21.49 0.23 -8.02
C PHE C 187 20.79 0.29 -9.37
N ALA C 188 20.51 -0.87 -9.97
CA ALA C 188 19.85 -0.89 -11.27
C ALA C 188 18.44 -0.32 -11.18
N ASN C 189 17.69 -0.72 -10.14
CA ASN C 189 16.34 -0.20 -9.98
C ASN C 189 16.34 1.29 -9.64
N ARG C 190 17.40 1.77 -8.99
CA ARG C 190 17.46 3.19 -8.67
C ARG C 190 17.66 4.06 -9.90
N ARG C 191 18.37 3.54 -10.90
CA ARG C 191 18.50 4.25 -12.17
C ARG C 191 17.18 4.39 -12.90
N LYS C 192 16.18 3.58 -12.53
CA LYS C 192 14.89 3.63 -13.22
C LYS C 192 14.12 4.88 -12.82
N GLU C 193 14.14 5.24 -11.53
CA GLU C 193 13.39 6.40 -11.06
C GLU C 193 13.88 7.72 -11.66
N GLU C 194 15.01 7.73 -12.36
CA GLU C 194 15.53 8.97 -12.94
C GLU C 194 14.57 9.51 -14.01
N ALA C 195 14.23 8.68 -14.98
CA ALA C 195 13.29 9.09 -16.03
C ALA C 195 12.67 7.88 -16.71
N PRO D 13 -20.97 0.19 -36.03
CA PRO D 13 -19.75 0.47 -36.76
C PRO D 13 -19.46 1.97 -36.98
N GLU D 14 -20.48 2.83 -37.01
CA GLU D 14 -20.21 4.23 -37.32
C GLU D 14 -19.40 4.90 -36.23
N GLU D 15 -19.70 4.58 -34.97
CA GLU D 15 -18.87 5.10 -33.89
C GLU D 15 -17.63 4.25 -33.69
N ALA D 16 -17.70 2.95 -34.03
CA ALA D 16 -16.55 2.07 -33.90
C ALA D 16 -15.33 2.65 -34.60
N ALA D 17 -15.46 2.99 -35.88
CA ALA D 17 -14.35 3.59 -36.62
C ALA D 17 -13.83 4.83 -35.92
N HIS D 18 -14.72 5.61 -35.31
CA HIS D 18 -14.30 6.77 -34.53
C HIS D 18 -13.47 6.34 -33.33
N GLN D 19 -13.90 5.30 -32.61
CA GLN D 19 -13.17 4.84 -31.44
C GLN D 19 -11.77 4.35 -31.81
N LYS D 20 -11.66 3.57 -32.88
CA LYS D 20 -10.33 3.12 -33.32
C LYS D 20 -9.45 4.30 -33.73
N ALA D 21 -10.07 5.38 -34.21
CA ALA D 21 -9.29 6.56 -34.59
C ALA D 21 -8.70 7.25 -33.36
N VAL D 22 -9.46 7.33 -32.26
CA VAL D 22 -8.93 7.93 -31.04
C VAL D 22 -7.80 7.07 -30.47
N VAL D 23 -7.96 5.75 -30.53
CA VAL D 23 -6.94 4.85 -29.99
C VAL D 23 -5.61 5.06 -30.70
N GLU D 24 -5.65 5.23 -32.03
CA GLU D 24 -4.42 5.41 -32.79
C GLU D 24 -3.82 6.79 -32.55
N THR D 25 -4.64 7.83 -32.51
CA THR D 25 -4.12 9.18 -32.28
C THR D 25 -3.40 9.27 -30.94
N LEU D 26 -3.95 8.63 -29.91
CA LEU D 26 -3.30 8.65 -28.60
C LEU D 26 -2.07 7.74 -28.59
N LEU D 27 -2.07 6.68 -29.39
CA LEU D 27 -0.92 5.78 -29.46
C LEU D 27 0.29 6.44 -30.11
N GLN D 28 0.14 7.64 -30.66
CA GLN D 28 1.26 8.37 -31.25
C GLN D 28 1.87 9.39 -30.30
N GLU D 29 1.09 9.94 -29.38
CA GLU D 29 1.58 10.97 -28.47
C GLU D 29 2.48 10.34 -27.40
N ASP D 30 3.01 11.19 -26.52
CA ASP D 30 3.92 10.73 -25.48
C ASP D 30 3.17 9.87 -24.48
N PRO D 31 3.72 8.71 -24.10
CA PRO D 31 3.07 7.89 -23.06
C PRO D 31 2.69 8.68 -21.82
N TRP D 32 3.63 9.43 -21.27
CA TRP D 32 3.39 10.14 -20.01
C TRP D 32 2.27 11.15 -20.14
N ARG D 33 2.21 11.88 -21.26
CA ARG D 33 1.17 12.89 -21.42
C ARG D 33 -0.22 12.27 -21.41
N VAL D 34 -0.41 11.19 -22.17
CA VAL D 34 -1.72 10.54 -22.20
C VAL D 34 -1.94 9.67 -20.97
N ALA D 35 -0.86 9.22 -20.30
CA ALA D 35 -1.02 8.50 -19.04
C ALA D 35 -1.58 9.42 -17.97
N LYS D 36 -1.01 10.63 -17.86
CA LYS D 36 -1.53 11.61 -16.91
C LYS D 36 -2.99 11.96 -17.21
N MET D 37 -3.39 11.86 -18.48
CA MET D 37 -4.80 12.03 -18.84
C MET D 37 -5.66 10.97 -18.19
N VAL D 38 -5.25 9.70 -18.30
CA VAL D 38 -6.09 8.60 -17.85
C VAL D 38 -6.29 8.66 -16.33
N LYS D 39 -5.19 8.83 -15.59
CA LYS D 39 -5.27 8.92 -14.14
C LYS D 39 -6.20 10.04 -13.70
N SER D 40 -6.08 11.21 -14.35
CA SER D 40 -6.97 12.32 -14.04
C SER D 40 -8.42 11.96 -14.32
N TYR D 41 -8.66 11.20 -15.38
CA TYR D 41 -10.02 10.72 -15.65
C TYR D 41 -10.43 9.66 -14.63
N LEU D 42 -9.48 8.81 -14.21
CA LEU D 42 -9.78 7.85 -13.15
C LEU D 42 -10.03 8.56 -11.83
N GLN D 43 -9.23 9.58 -11.51
CA GLN D 43 -9.42 10.32 -10.28
C GLN D 43 -10.69 11.17 -10.33
N GLN D 44 -11.01 11.70 -11.51
CA GLN D 44 -12.20 12.53 -11.64
C GLN D 44 -13.47 11.73 -11.37
N HIS D 45 -13.51 10.49 -11.86
CA HIS D 45 -14.69 9.65 -11.72
C HIS D 45 -14.51 8.56 -10.66
N ASN D 46 -13.40 8.59 -9.92
CA ASN D 46 -13.08 7.62 -8.88
C ASN D 46 -13.32 6.20 -9.38
N ILE D 47 -12.80 5.94 -10.58
CA ILE D 47 -12.91 4.62 -11.22
C ILE D 47 -11.77 3.75 -10.70
N PRO D 48 -12.06 2.55 -10.21
CA PRO D 48 -10.98 1.68 -9.71
C PRO D 48 -10.04 1.28 -10.83
N GLN D 49 -8.74 1.42 -10.57
CA GLN D 49 -7.74 0.82 -11.44
C GLN D 49 -8.00 -0.68 -11.62
N ARG D 50 -8.61 -1.31 -10.63
CA ARG D 50 -8.97 -2.72 -10.73
C ARG D 50 -9.87 -2.99 -11.92
N GLU D 51 -10.88 -2.12 -12.13
CA GLU D 51 -11.76 -2.25 -13.29
C GLU D 51 -10.97 -2.35 -14.59
N VAL D 52 -9.91 -1.56 -14.74
CA VAL D 52 -9.09 -1.64 -15.94
C VAL D 52 -8.48 -3.03 -16.06
N VAL D 53 -7.68 -3.43 -15.08
CA VAL D 53 -6.98 -4.71 -15.13
C VAL D 53 -7.93 -5.90 -15.05
N ASP D 54 -9.20 -5.69 -14.73
CA ASP D 54 -10.19 -6.76 -14.93
C ASP D 54 -10.60 -6.83 -16.40
N THR D 55 -10.97 -5.68 -16.97
CA THR D 55 -11.52 -5.66 -18.32
C THR D 55 -10.42 -5.72 -19.37
N THR D 56 -9.21 -5.23 -19.05
CA THR D 56 -8.11 -5.30 -20.00
C THR D 56 -7.40 -6.64 -19.92
N GLY D 57 -7.02 -7.06 -18.72
CA GLY D 57 -6.11 -8.18 -18.54
C GLY D 57 -4.68 -7.77 -18.24
N LEU D 58 -4.43 -6.47 -18.06
CA LEU D 58 -3.11 -5.95 -17.78
C LEU D 58 -2.69 -6.30 -16.35
N ASN D 59 -1.48 -5.88 -16.00
CA ASN D 59 -0.94 -6.12 -14.67
C ASN D 59 -1.18 -4.83 -13.89
N GLN D 60 -1.69 -4.96 -12.66
CA GLN D 60 -1.93 -3.78 -11.83
C GLN D 60 -0.63 -3.03 -11.57
N SER D 61 0.43 -3.77 -11.24
CA SER D 61 1.74 -3.17 -11.03
C SER D 61 2.12 -2.36 -12.25
N HIS D 62 2.35 -3.05 -13.38
CA HIS D 62 2.69 -2.37 -14.62
C HIS D 62 1.77 -1.19 -14.89
N LEU D 63 0.46 -1.39 -14.74
CA LEU D 63 -0.51 -0.32 -14.91
C LEU D 63 -0.20 0.83 -13.95
N SER D 64 -0.29 0.56 -12.65
CA SER D 64 -0.06 1.58 -11.62
C SER D 64 1.25 2.32 -11.84
N GLN D 65 2.33 1.59 -12.13
CA GLN D 65 3.61 2.24 -12.39
C GLN D 65 3.57 3.07 -13.67
N HIS D 66 2.68 2.76 -14.62
CA HIS D 66 2.63 3.55 -15.84
C HIS D 66 1.83 4.84 -15.65
N LEU D 67 0.75 4.81 -14.88
CA LEU D 67 -0.02 6.03 -14.67
C LEU D 67 0.51 6.89 -13.55
N ASN D 68 1.23 6.31 -12.59
CA ASN D 68 1.78 7.07 -11.48
C ASN D 68 3.24 7.46 -11.70
N LYS D 69 4.02 6.59 -12.32
CA LYS D 69 5.39 6.88 -12.73
C LYS D 69 5.48 6.76 -14.25
N GLY D 70 6.66 7.05 -14.79
CA GLY D 70 6.85 7.03 -16.22
C GLY D 70 7.17 5.68 -16.82
N THR D 71 7.00 4.58 -16.08
CA THR D 71 7.42 3.26 -16.52
C THR D 71 6.72 2.88 -17.82
N PRO D 72 7.47 2.62 -18.89
CA PRO D 72 6.86 2.35 -20.19
C PRO D 72 6.26 0.96 -20.26
N MET D 73 5.43 0.76 -21.28
CA MET D 73 4.84 -0.54 -21.57
C MET D 73 4.60 -0.61 -23.08
N LYS D 74 4.49 -1.83 -23.59
CA LYS D 74 4.46 -2.04 -25.03
C LYS D 74 3.17 -1.51 -25.65
N THR D 75 3.25 -1.16 -26.93
CA THR D 75 2.12 -0.54 -27.63
C THR D 75 0.89 -1.43 -27.60
N GLN D 76 1.08 -2.73 -27.84
CA GLN D 76 -0.02 -3.69 -27.69
C GLN D 76 -0.65 -3.56 -26.31
N LYS D 77 0.18 -3.61 -25.26
CA LYS D 77 -0.30 -3.45 -23.89
C LYS D 77 -1.02 -2.11 -23.72
N ARG D 78 -0.38 -1.02 -24.16
CA ARG D 78 -1.00 0.30 -24.07
C ARG D 78 -2.36 0.31 -24.74
N ALA D 79 -2.41 -0.09 -26.01
CA ALA D 79 -3.61 -0.06 -26.83
C ALA D 79 -4.84 -0.55 -26.07
N ALA D 80 -4.70 -1.67 -25.36
CA ALA D 80 -5.81 -2.22 -24.60
C ALA D 80 -6.38 -1.19 -23.63
N LEU D 81 -5.52 -0.41 -22.97
CA LEU D 81 -5.99 0.63 -22.07
C LEU D 81 -6.77 1.69 -22.84
N TYR D 82 -6.28 2.09 -24.02
CA TYR D 82 -6.91 3.17 -24.76
C TYR D 82 -8.31 2.77 -25.24
N THR D 83 -8.48 1.51 -25.66
CA THR D 83 -9.83 1.04 -26.01
C THR D 83 -10.75 1.09 -24.81
N TRP D 84 -10.24 0.72 -23.62
CA TRP D 84 -11.05 0.83 -22.42
C TRP D 84 -11.39 2.28 -22.11
N TYR D 85 -10.39 3.17 -22.21
CA TYR D 85 -10.60 4.58 -21.94
C TYR D 85 -11.67 5.16 -22.87
N VAL D 86 -11.54 4.91 -24.17
CA VAL D 86 -12.43 5.53 -25.15
C VAL D 86 -13.86 5.00 -24.99
N ARG D 87 -14.01 3.69 -24.75
CA ARG D 87 -15.34 3.12 -24.60
C ARG D 87 -15.95 3.51 -23.26
N LYS D 88 -15.18 3.45 -22.18
CA LYS D 88 -15.71 3.83 -20.87
C LYS D 88 -16.10 5.30 -20.82
N GLN D 89 -15.34 6.16 -21.51
CA GLN D 89 -15.69 7.58 -21.54
C GLN D 89 -17.08 7.79 -22.16
N ARG D 90 -17.41 7.01 -23.19
CA ARG D 90 -18.74 7.12 -23.77
C ARG D 90 -19.79 6.51 -22.83
N GLU D 91 -19.42 5.43 -22.14
CA GLU D 91 -20.40 4.72 -21.31
C GLU D 91 -20.82 5.55 -20.11
N VAL D 92 -19.90 6.29 -19.49
CA VAL D 92 -20.28 7.09 -18.33
C VAL D 92 -21.20 8.23 -18.77
N ALA D 93 -20.83 8.96 -19.82
CA ALA D 93 -21.67 10.07 -20.29
C ALA D 93 -23.09 9.58 -20.61
N GLN D 94 -23.19 8.36 -21.15
CA GLN D 94 -24.49 7.72 -21.34
C GLN D 94 -25.20 7.51 -20.00
N GLN D 95 -24.50 6.89 -19.04
CA GLN D 95 -25.04 6.66 -17.71
C GLN D 95 -25.61 7.95 -17.12
N PHE D 96 -24.90 9.05 -17.29
CA PHE D 96 -25.38 10.33 -16.75
C PHE D 96 -26.49 10.91 -17.61
N THR D 97 -26.52 10.65 -18.92
CA THR D 97 -27.63 11.17 -19.72
C THR D 97 -28.93 10.42 -19.43
N HIS D 98 -28.86 9.09 -19.30
CA HIS D 98 -30.03 8.32 -18.87
C HIS D 98 -30.10 8.30 -17.34
N ALA D 99 -30.37 9.47 -16.77
CA ALA D 99 -30.52 9.61 -15.33
C ALA D 99 -31.49 10.74 -15.00
N ARG D 120 -19.74 -4.70 -10.31
CA ARG D 120 -19.89 -4.55 -8.87
C ARG D 120 -18.63 -3.94 -8.26
N ASN D 121 -18.70 -2.64 -7.95
CA ASN D 121 -17.55 -1.90 -7.48
C ASN D 121 -17.81 -1.34 -6.08
N ARG D 122 -16.72 -1.20 -5.33
CA ARG D 122 -16.77 -0.60 -4.00
C ARG D 122 -16.80 0.92 -4.10
N PHE D 123 -17.53 1.54 -3.17
CA PHE D 123 -17.61 3.00 -3.14
C PHE D 123 -16.27 3.60 -2.73
N LYS D 124 -15.95 4.75 -3.32
CA LYS D 124 -14.73 5.48 -2.99
C LYS D 124 -15.09 6.94 -2.75
N TRP D 125 -14.65 7.47 -1.61
CA TRP D 125 -14.87 8.87 -1.29
C TRP D 125 -14.08 9.77 -2.22
N GLY D 126 -14.71 10.83 -2.71
CA GLY D 126 -14.03 11.80 -3.51
C GLY D 126 -13.28 12.80 -2.65
N PRO D 127 -12.30 13.50 -3.24
CA PRO D 127 -11.57 14.50 -2.46
C PRO D 127 -12.39 15.75 -2.16
N ALA D 128 -13.26 16.16 -3.08
CA ALA D 128 -14.16 17.28 -2.81
C ALA D 128 -15.15 16.91 -1.71
N SER D 129 -15.61 15.65 -1.68
CA SER D 129 -16.47 15.19 -0.61
C SER D 129 -15.74 15.22 0.73
N GLN D 130 -14.63 14.49 0.82
CA GLN D 130 -13.87 14.38 2.08
C GLN D 130 -13.55 15.74 2.68
N GLN D 131 -13.36 16.77 1.83
CA GLN D 131 -13.15 18.12 2.34
C GLN D 131 -14.34 18.58 3.17
N ILE D 132 -15.56 18.28 2.72
CA ILE D 132 -16.75 18.67 3.45
C ILE D 132 -16.90 17.84 4.72
N LEU D 133 -16.68 16.52 4.60
CA LEU D 133 -16.89 15.63 5.74
C LEU D 133 -15.97 15.99 6.90
N PHE D 134 -14.67 16.09 6.64
CA PHE D 134 -13.72 16.48 7.68
C PHE D 134 -14.06 17.84 8.26
N GLN D 135 -14.59 18.75 7.43
CA GLN D 135 -14.94 20.08 7.89
C GLN D 135 -16.07 20.03 8.92
N ALA D 136 -17.11 19.26 8.64
CA ALA D 136 -18.23 19.17 9.58
C ALA D 136 -17.88 18.30 10.78
N TYR D 137 -16.90 17.40 10.64
CA TYR D 137 -16.44 16.62 11.78
C TYR D 137 -15.90 17.53 12.89
N GLU D 138 -15.40 18.71 12.52
CA GLU D 138 -15.01 19.70 13.52
C GLU D 138 -16.22 20.34 14.17
N ARG D 139 -17.32 20.51 13.42
CA ARG D 139 -18.53 21.08 13.99
C ARG D 139 -19.25 20.07 14.88
N GLN D 140 -19.37 18.83 14.42
CA GLN D 140 -20.08 17.80 15.19
C GLN D 140 -19.55 16.44 14.78
N LYS D 141 -19.06 15.66 15.75
CA LYS D 141 -18.53 14.33 15.48
C LYS D 141 -19.62 13.28 15.38
N ASN D 142 -20.84 13.57 15.82
CA ASN D 142 -21.95 12.63 15.77
C ASN D 142 -23.18 13.37 15.28
N PRO D 143 -23.29 13.62 13.97
CA PRO D 143 -24.41 14.40 13.46
C PRO D 143 -25.70 13.59 13.39
N SER D 144 -26.81 14.31 13.49
CA SER D 144 -28.12 13.69 13.35
C SER D 144 -28.31 13.15 11.95
N LYS D 145 -29.26 12.21 11.82
CA LYS D 145 -29.55 11.61 10.51
C LYS D 145 -29.83 12.69 9.47
N GLU D 146 -30.69 13.64 9.81
CA GLU D 146 -30.96 14.76 8.92
C GLU D 146 -29.72 15.61 8.71
N GLU D 147 -28.87 15.72 9.72
CA GLU D 147 -27.60 16.42 9.56
C GLU D 147 -26.67 15.68 8.62
N ARG D 148 -26.76 14.35 8.58
CA ARG D 148 -25.99 13.57 7.60
C ARG D 148 -26.61 13.68 6.21
N GLU D 149 -27.94 13.71 6.12
CA GLU D 149 -28.60 13.86 4.83
C GLU D 149 -28.22 15.18 4.16
N THR D 150 -28.12 16.25 4.94
CA THR D 150 -27.64 17.52 4.40
C THR D 150 -26.24 17.36 3.83
N LEU D 151 -25.40 16.56 4.49
CA LEU D 151 -24.06 16.31 3.99
C LEU D 151 -24.09 15.50 2.70
N VAL D 152 -25.07 14.61 2.57
CA VAL D 152 -25.14 13.74 1.39
C VAL D 152 -25.26 14.59 0.13
N GLU D 153 -26.13 15.61 0.14
CA GLU D 153 -26.30 16.41 -1.06
C GLU D 153 -25.04 17.24 -1.34
N GLU D 154 -24.48 17.88 -0.30
CA GLU D 154 -23.28 18.69 -0.49
C GLU D 154 -22.11 17.89 -1.09
N CYS D 155 -22.13 16.57 -1.00
CA CYS D 155 -21.04 15.74 -1.52
C CYS D 155 -21.33 15.23 -2.92
N ASN D 156 -22.49 14.61 -3.10
CA ASN D 156 -22.96 14.22 -4.42
C ASN D 156 -22.95 15.42 -5.38
N ARG D 157 -23.26 16.60 -4.85
CA ARG D 157 -23.09 17.83 -5.61
C ARG D 157 -21.63 18.05 -5.99
N ALA D 158 -20.73 17.95 -4.99
CA ALA D 158 -19.32 18.19 -5.25
C ALA D 158 -18.74 17.12 -6.17
N GLU D 159 -19.17 15.87 -6.00
CA GLU D 159 -18.70 14.81 -6.89
C GLU D 159 -19.20 15.02 -8.31
N CYS D 160 -20.47 15.42 -8.46
CA CYS D 160 -21.02 15.65 -9.79
C CYS D 160 -20.28 16.77 -10.51
N ILE D 161 -19.99 17.86 -9.80
CA ILE D 161 -19.25 18.96 -10.41
C ILE D 161 -17.83 18.53 -10.74
N GLN D 162 -17.20 17.76 -9.86
CA GLN D 162 -15.88 17.22 -10.15
C GLN D 162 -15.90 16.43 -11.45
N ARG D 163 -16.89 15.55 -11.62
CA ARG D 163 -17.04 14.81 -12.86
C ARG D 163 -17.53 15.69 -14.01
N GLY D 164 -18.07 16.87 -13.70
CA GLY D 164 -18.48 17.80 -14.74
C GLY D 164 -19.89 17.63 -15.24
N VAL D 165 -20.81 17.15 -14.39
CA VAL D 165 -22.20 16.96 -14.78
C VAL D 165 -23.08 17.71 -13.78
N SER D 166 -24.28 18.07 -14.23
CA SER D 166 -25.23 18.74 -13.35
C SER D 166 -25.62 17.80 -12.21
N PRO D 167 -25.69 18.29 -10.98
CA PRO D 167 -26.03 17.41 -9.85
C PRO D 167 -27.41 16.79 -9.94
N SER D 168 -28.29 17.31 -10.80
CA SER D 168 -29.56 16.64 -11.05
C SER D 168 -29.35 15.23 -11.60
N GLN D 169 -28.20 14.98 -12.21
CA GLN D 169 -27.85 13.64 -12.70
C GLN D 169 -26.91 12.95 -11.71
N ALA D 170 -27.40 12.79 -10.49
CA ALA D 170 -26.62 12.19 -9.42
C ALA D 170 -26.84 10.69 -9.29
N GLN D 171 -27.89 10.14 -9.89
CA GLN D 171 -28.06 8.69 -9.89
C GLN D 171 -27.05 8.00 -10.81
N GLY D 172 -26.34 8.77 -11.64
CA GLY D 172 -25.36 8.18 -12.55
C GLY D 172 -24.03 7.82 -11.90
N LEU D 173 -23.75 8.37 -10.72
CA LEU D 173 -22.51 8.02 -10.03
C LEU D 173 -22.43 6.53 -9.72
N GLY D 174 -23.57 5.85 -9.64
CA GLY D 174 -23.56 4.40 -9.49
C GLY D 174 -23.02 3.97 -8.15
N SER D 175 -22.00 3.10 -8.18
CA SER D 175 -21.38 2.62 -6.96
C SER D 175 -20.67 3.71 -6.18
N ASN D 176 -20.53 4.91 -6.75
CA ASN D 176 -19.92 6.04 -6.06
C ASN D 176 -20.96 7.00 -5.51
N LEU D 177 -22.23 6.63 -5.51
CA LEU D 177 -23.27 7.44 -4.91
C LEU D 177 -23.09 7.50 -3.40
N VAL D 178 -23.23 8.69 -2.84
CA VAL D 178 -23.12 8.88 -1.39
C VAL D 178 -24.48 8.60 -0.77
N THR D 179 -24.54 7.62 0.11
CA THR D 179 -25.73 7.31 0.89
C THR D 179 -25.50 7.72 2.34
N GLU D 180 -26.60 8.02 3.03
CA GLU D 180 -26.50 8.39 4.44
C GLU D 180 -25.79 7.31 5.25
N VAL D 181 -26.00 6.05 4.88
CA VAL D 181 -25.28 4.95 5.52
C VAL D 181 -23.78 5.11 5.35
N ARG D 182 -23.35 5.40 4.11
CA ARG D 182 -21.93 5.62 3.84
C ARG D 182 -21.38 6.77 4.66
N VAL D 183 -22.16 7.85 4.82
CA VAL D 183 -21.75 8.95 5.66
C VAL D 183 -21.59 8.50 7.11
N TYR D 184 -22.49 7.63 7.56
CA TYR D 184 -22.43 7.13 8.94
C TYR D 184 -21.19 6.28 9.16
N ASN D 185 -21.00 5.27 8.31
CA ASN D 185 -19.82 4.40 8.44
C ASN D 185 -18.53 5.21 8.35
N TRP D 186 -18.53 6.29 7.56
CA TRP D 186 -17.39 7.20 7.54
C TRP D 186 -17.18 7.79 8.92
N PHE D 187 -18.14 8.60 9.39
CA PHE D 187 -18.03 9.26 10.68
C PHE D 187 -17.68 8.27 11.79
N ALA D 188 -18.27 7.08 11.75
CA ALA D 188 -17.97 6.07 12.75
C ALA D 188 -16.50 5.63 12.67
N ASN D 189 -16.09 5.17 11.49
CA ASN D 189 -14.70 4.75 11.32
C ASN D 189 -13.71 5.89 11.54
N ARG D 190 -14.16 7.14 11.43
CA ARG D 190 -13.27 8.26 11.69
C ARG D 190 -13.05 8.48 13.18
N ARG D 191 -14.10 8.37 13.99
CA ARG D 191 -13.93 8.53 15.43
C ARG D 191 -13.13 7.38 16.02
N LYS D 192 -13.09 6.24 15.32
CA LYS D 192 -12.23 5.14 15.74
C LYS D 192 -10.79 5.59 15.87
N GLU D 193 -10.26 6.26 14.84
CA GLU D 193 -8.90 6.77 14.89
C GLU D 193 -8.87 8.13 15.58
N GLU D 194 -9.25 8.11 16.86
CA GLU D 194 -9.14 9.26 17.75
C GLU D 194 -8.38 8.95 19.03
N ALA D 195 -8.09 7.68 19.31
CA ALA D 195 -7.37 7.31 20.52
C ALA D 195 -5.99 6.75 20.16
C1 GOL E . -18.93 5.35 -12.06
O1 GOL E . -19.62 4.36 -12.75
C2 GOL E . -19.23 6.68 -12.79
O2 GOL E . -20.55 7.08 -12.61
C3 GOL E . -18.24 7.68 -12.19
O3 GOL E . -18.36 8.86 -12.92
#